data_1GC6
#
_entry.id   1GC6
#
_cell.length_a   96.800
_cell.length_b   96.800
_cell.length_c   132.750
_cell.angle_alpha   90.00
_cell.angle_beta   90.00
_cell.angle_gamma   90.00
#
_symmetry.space_group_name_H-M   'P 41 21 2'
#
loop_
_entity.id
_entity.type
_entity.pdbx_description
1 polymer RADIXIN
2 non-polymer D-MYO-INOSITOL-1,4,5-TRIPHOSPHATE
#
_entity_poly.entity_id   1
_entity_poly.type   'polypeptide(L)'
_entity_poly.pdbx_seq_one_letter_code
;MPKPINVRVTTMDAELEFAIQPNTTGKQLFDQVVKTVGLREVWFFGLQYVDSKGYSTWLKLNKKVTQQDVKKENPLQFKF
RAKFFPEDVSEELIQEITQRLFFLQVKEAILNDEIYCPPETAVLLASYAVQAKYGDYNKEIHKPGYLANDRLLPQRVLEQ
HKLTKEQWEERIQNWHEEHRGMLREDSMMEYLKIAQDLEMYGVNYFEIKNKKGTELWLGVDALGLNIYEHDDKLTPKIGF
PWSEIRNISFNDKKFVIKPIDKKAPDFVFYAPRLRINKRILALCMGNHELYMRRRKP
;
_entity_poly.pdbx_strand_id   A
#
loop_
_chem_comp.id
_chem_comp.type
_chem_comp.name
_chem_comp.formula
I3P non-polymer D-MYO-INOSITOL-1,4,5-TRIPHOSPHATE 'C6 H15 O15 P3'
#
# COMPACT_ATOMS: atom_id res chain seq x y z
N MET A 1 41.31 2.87 -4.41
CA MET A 1 40.18 1.95 -4.80
C MET A 1 38.96 1.97 -3.84
N PRO A 2 37.83 2.57 -4.29
CA PRO A 2 36.53 2.77 -3.61
C PRO A 2 35.94 1.65 -2.74
N LYS A 3 35.59 2.02 -1.51
CA LYS A 3 35.01 1.09 -0.55
C LYS A 3 33.54 0.85 -0.83
N PRO A 4 33.05 -0.38 -0.57
CA PRO A 4 31.65 -0.69 -0.82
C PRO A 4 30.79 0.04 0.18
N ILE A 5 29.51 0.21 -0.18
CA ILE A 5 28.53 0.87 0.67
C ILE A 5 27.64 -0.16 1.30
N ASN A 6 27.30 0.04 2.56
CA ASN A 6 26.44 -0.88 3.29
C ASN A 6 24.99 -0.46 3.12
N VAL A 7 24.13 -1.42 2.83
CA VAL A 7 22.73 -1.15 2.64
C VAL A 7 21.89 -2.13 3.42
N ARG A 8 20.80 -1.64 3.98
CA ARG A 8 19.89 -2.46 4.75
C ARG A 8 18.50 -2.37 4.12
N VAL A 9 18.01 -3.51 3.63
CA VAL A 9 16.69 -3.60 3.02
C VAL A 9 15.78 -4.40 3.92
N THR A 10 14.62 -3.85 4.25
CA THR A 10 13.68 -4.54 5.10
C THR A 10 12.31 -4.73 4.48
N THR A 11 11.88 -5.99 4.44
CA THR A 11 10.58 -6.35 3.92
C THR A 11 9.70 -6.33 5.16
N MET A 12 8.41 -6.57 4.98
CA MET A 12 7.49 -6.56 6.12
C MET A 12 7.90 -7.50 7.25
N ASP A 13 8.48 -8.64 6.89
CA ASP A 13 8.92 -9.60 7.90
C ASP A 13 10.34 -10.16 7.70
N ALA A 14 11.28 -9.28 7.35
CA ALA A 14 12.66 -9.70 7.14
C ALA A 14 13.63 -8.54 7.12
N GLU A 15 14.87 -8.84 7.50
CA GLU A 15 15.97 -7.89 7.53
C GLU A 15 17.00 -8.44 6.55
N LEU A 16 17.35 -7.65 5.54
CA LEU A 16 18.35 -8.06 4.55
C LEU A 16 19.45 -7.03 4.46
N GLU A 17 20.68 -7.47 4.23
CA GLU A 17 21.77 -6.52 4.10
C GLU A 17 22.74 -6.89 3.00
N PHE A 18 23.23 -5.88 2.29
CA PHE A 18 24.16 -6.11 1.19
C PHE A 18 25.30 -5.10 1.20
N ALA A 19 26.33 -5.39 0.40
CA ALA A 19 27.49 -4.54 0.25
C ALA A 19 27.57 -4.14 -1.22
N ILE A 20 26.92 -3.03 -1.51
CA ILE A 20 26.82 -2.48 -2.85
C ILE A 20 28.09 -1.81 -3.36
N GLN A 21 28.26 -1.73 -4.68
CA GLN A 21 29.41 -1.06 -5.29
C GLN A 21 29.02 0.38 -5.61
N PRO A 22 29.96 1.33 -5.47
CA PRO A 22 29.77 2.76 -5.73
C PRO A 22 29.04 3.11 -7.02
N ASN A 23 29.05 2.18 -7.97
CA ASN A 23 28.42 2.39 -9.27
C ASN A 23 27.20 1.47 -9.52
N THR A 24 26.62 0.94 -8.45
CA THR A 24 25.46 0.06 -8.58
C THR A 24 24.18 0.87 -8.83
N THR A 25 23.34 0.36 -9.73
CA THR A 25 22.09 1.00 -10.09
C THR A 25 20.93 0.50 -9.25
N GLY A 26 19.90 1.33 -9.12
CA GLY A 26 18.73 0.96 -8.32
C GLY A 26 18.15 -0.34 -8.80
N LYS A 27 18.20 -0.52 -10.11
CA LYS A 27 17.71 -1.71 -10.77
C LYS A 27 18.49 -2.95 -10.31
N GLN A 28 19.82 -2.89 -10.35
CA GLN A 28 20.67 -4.00 -9.94
C GLN A 28 20.45 -4.40 -8.49
N LEU A 29 20.19 -3.39 -7.66
CA LEU A 29 19.93 -3.61 -6.25
C LEU A 29 18.56 -4.27 -6.08
N PHE A 30 17.57 -3.77 -6.80
CA PHE A 30 16.21 -4.31 -6.77
C PHE A 30 16.32 -5.78 -7.18
N ASP A 31 17.10 -6.02 -8.22
CA ASP A 31 17.33 -7.36 -8.76
C ASP A 31 17.80 -8.30 -7.67
N GLN A 32 18.75 -7.83 -6.87
CA GLN A 32 19.31 -8.62 -5.79
C GLN A 32 18.30 -8.96 -4.69
N VAL A 33 17.52 -7.96 -4.28
CA VAL A 33 16.51 -8.15 -3.25
C VAL A 33 15.52 -9.23 -3.63
N VAL A 34 14.93 -9.04 -4.80
CA VAL A 34 13.95 -9.97 -5.35
C VAL A 34 14.49 -11.38 -5.49
N LYS A 35 15.70 -11.50 -6.02
CA LYS A 35 16.36 -12.79 -6.19
C LYS A 35 16.54 -13.46 -4.82
N THR A 36 16.88 -12.64 -3.82
CA THR A 36 17.10 -13.09 -2.45
C THR A 36 15.82 -13.54 -1.73
N VAL A 37 14.72 -12.89 -2.07
CA VAL A 37 13.42 -13.20 -1.47
C VAL A 37 12.74 -14.34 -2.24
N GLY A 38 12.93 -14.35 -3.56
CA GLY A 38 12.32 -15.36 -4.40
C GLY A 38 10.94 -14.88 -4.84
N LEU A 39 10.81 -13.58 -4.95
CA LEU A 39 9.56 -12.97 -5.35
C LEU A 39 9.54 -12.99 -6.86
N ARG A 40 8.38 -13.26 -7.45
CA ARG A 40 8.29 -13.27 -8.90
C ARG A 40 7.42 -12.14 -9.42
N GLU A 41 6.32 -11.87 -8.74
CA GLU A 41 5.43 -10.79 -9.15
C GLU A 41 6.06 -9.43 -8.86
N VAL A 42 7.24 -9.20 -9.41
CA VAL A 42 8.00 -7.97 -9.19
C VAL A 42 7.34 -6.65 -9.56
N TRP A 43 6.41 -6.66 -10.51
CA TRP A 43 5.76 -5.44 -10.96
C TRP A 43 5.01 -4.63 -9.89
N PHE A 44 4.70 -5.27 -8.76
CA PHE A 44 3.99 -4.62 -7.68
C PHE A 44 4.86 -3.81 -6.73
N PHE A 45 6.11 -4.22 -6.57
CA PHE A 45 7.03 -3.58 -5.64
C PHE A 45 8.02 -2.51 -6.11
N GLY A 46 8.84 -2.08 -5.16
CA GLY A 46 9.86 -1.08 -5.37
C GLY A 46 10.56 -0.82 -4.06
N LEU A 47 11.61 -0.01 -4.08
CA LEU A 47 12.33 0.30 -2.85
C LEU A 47 12.02 1.71 -2.42
N GLN A 48 11.67 1.86 -1.15
CA GLN A 48 11.30 3.15 -0.59
C GLN A 48 12.38 3.63 0.38
N TYR A 49 12.58 4.95 0.43
CA TYR A 49 13.58 5.55 1.32
C TYR A 49 13.21 6.97 1.66
N VAL A 50 13.98 7.60 2.55
CA VAL A 50 13.73 9.01 2.91
C VAL A 50 14.89 9.83 2.34
N ASP A 51 14.60 10.96 1.72
CA ASP A 51 15.69 11.78 1.16
C ASP A 51 16.32 12.68 2.24
N SER A 52 17.42 13.33 1.88
CA SER A 52 18.11 14.18 2.85
C SER A 52 17.20 15.25 3.43
N LYS A 53 16.26 15.73 2.62
CA LYS A 53 15.30 16.74 3.05
C LYS A 53 14.19 16.18 3.94
N GLY A 54 14.19 14.86 4.14
CA GLY A 54 13.19 14.23 5.00
C GLY A 54 11.97 13.55 4.38
N TYR A 55 11.73 13.78 3.09
CA TYR A 55 10.58 13.18 2.42
C TYR A 55 10.76 11.68 2.16
N SER A 56 9.63 10.98 2.11
CA SER A 56 9.60 9.55 1.81
C SER A 56 9.76 9.59 0.29
N THR A 57 10.42 8.59 -0.30
CA THR A 57 10.66 8.59 -1.74
C THR A 57 10.80 7.19 -2.33
N TRP A 58 10.51 7.08 -3.63
CA TRP A 58 10.67 5.82 -4.33
C TRP A 58 12.00 5.86 -5.09
N LEU A 59 12.77 4.80 -4.94
CA LEU A 59 14.08 4.67 -5.58
C LEU A 59 13.92 4.56 -7.10
N LYS A 60 14.79 5.22 -7.85
CA LYS A 60 14.72 5.15 -9.31
C LYS A 60 15.55 3.96 -9.78
N LEU A 61 14.94 3.04 -10.53
CA LEU A 61 15.66 1.86 -11.01
C LEU A 61 16.85 2.14 -11.92
N ASN A 62 16.63 2.97 -12.93
CA ASN A 62 17.64 3.34 -13.94
C ASN A 62 18.79 4.27 -13.56
N LYS A 63 19.10 4.42 -12.28
CA LYS A 63 20.19 5.30 -11.86
C LYS A 63 21.11 4.72 -10.78
N LYS A 64 22.24 5.38 -10.57
CA LYS A 64 23.16 4.94 -9.55
C LYS A 64 22.56 5.42 -8.24
N VAL A 65 22.21 4.46 -7.37
CA VAL A 65 21.61 4.77 -6.08
C VAL A 65 22.42 5.83 -5.33
N THR A 66 23.70 5.91 -5.67
CA THR A 66 24.59 6.87 -5.05
C THR A 66 24.24 8.31 -5.48
N GLN A 67 23.58 8.44 -6.62
CA GLN A 67 23.19 9.75 -7.16
C GLN A 67 21.71 10.08 -6.93
N GLN A 68 21.13 9.63 -5.82
CA GLN A 68 19.71 9.89 -5.58
C GLN A 68 19.34 10.55 -4.25
N ASP A 69 20.26 11.35 -3.71
CA ASP A 69 20.04 12.07 -2.46
C ASP A 69 19.40 11.28 -1.32
N VAL A 70 19.78 10.02 -1.18
CA VAL A 70 19.23 9.23 -0.09
C VAL A 70 20.05 9.53 1.18
N LYS A 71 19.38 10.07 2.20
CA LYS A 71 19.97 10.43 3.49
C LYS A 71 21.11 9.48 3.92
N LYS A 72 22.30 10.06 3.99
CA LYS A 72 23.50 9.32 4.38
C LYS A 72 23.47 8.82 5.81
N GLU A 73 23.52 7.51 5.95
CA GLU A 73 23.56 6.81 7.24
C GLU A 73 24.62 5.73 6.93
N ASN A 74 25.11 5.00 7.94
CA ASN A 74 26.09 3.97 7.61
C ASN A 74 25.35 2.95 6.79
N PRO A 75 24.63 1.99 7.43
CA PRO A 75 23.98 1.10 6.46
C PRO A 75 22.82 1.96 5.93
N LEU A 76 22.74 2.13 4.61
CA LEU A 76 21.67 2.93 4.03
C LEU A 76 20.34 2.23 4.28
N GLN A 77 19.34 3.01 4.67
CA GLN A 77 18.02 2.49 5.00
C GLN A 77 17.04 2.41 3.82
N PHE A 78 16.60 1.20 3.49
CA PHE A 78 15.63 0.97 2.41
C PHE A 78 14.46 0.11 2.84
N LYS A 79 13.27 0.44 2.35
CA LYS A 79 12.08 -0.31 2.66
C LYS A 79 11.47 -0.90 1.41
N PHE A 80 11.38 -2.22 1.37
CA PHE A 80 10.79 -2.91 0.24
C PHE A 80 9.28 -3.00 0.52
N ARG A 81 8.48 -2.33 -0.31
CA ARG A 81 7.03 -2.31 -0.14
C ARG A 81 6.33 -2.41 -1.48
N ALA A 82 5.03 -2.71 -1.46
CA ALA A 82 4.25 -2.79 -2.67
C ALA A 82 3.92 -1.35 -3.05
N LYS A 83 4.14 -1.02 -4.32
CA LYS A 83 3.88 0.32 -4.85
C LYS A 83 2.52 0.34 -5.53
N PHE A 84 2.22 -0.75 -6.21
CA PHE A 84 0.98 -0.91 -6.95
C PHE A 84 0.15 -2.03 -6.37
N PHE A 85 -1.16 -1.90 -6.50
CA PHE A 85 -2.07 -2.91 -6.00
C PHE A 85 -2.82 -3.58 -7.14
N PRO A 86 -3.14 -4.86 -6.98
CA PRO A 86 -3.87 -5.63 -7.99
C PRO A 86 -5.33 -5.23 -7.98
N GLU A 87 -6.06 -5.59 -9.03
CA GLU A 87 -7.48 -5.28 -9.15
C GLU A 87 -8.28 -6.33 -8.40
N ASP A 88 -7.70 -7.52 -8.32
CA ASP A 88 -8.32 -8.60 -7.58
C ASP A 88 -7.19 -9.43 -7.08
N VAL A 89 -7.07 -9.48 -5.77
CA VAL A 89 -6.02 -10.22 -5.11
C VAL A 89 -5.95 -11.69 -5.51
N SER A 90 -7.11 -12.33 -5.61
CA SER A 90 -7.20 -13.74 -5.96
C SER A 90 -6.58 -14.10 -7.30
N GLU A 91 -6.84 -13.29 -8.31
CA GLU A 91 -6.32 -13.54 -9.65
C GLU A 91 -4.89 -13.10 -9.89
N GLU A 92 -4.37 -12.20 -9.06
CA GLU A 92 -3.03 -11.71 -9.31
C GLU A 92 -1.89 -12.09 -8.36
N LEU A 93 -2.25 -12.48 -7.14
CA LEU A 93 -1.23 -12.89 -6.17
C LEU A 93 -1.15 -14.40 -6.17
N ILE A 94 -0.17 -14.91 -6.92
CA ILE A 94 0.05 -16.34 -7.08
C ILE A 94 0.96 -16.98 -6.04
N GLN A 95 2.18 -16.45 -5.93
CA GLN A 95 3.14 -16.97 -4.97
C GLN A 95 2.72 -16.77 -3.53
N GLU A 96 2.99 -17.77 -2.70
CA GLU A 96 2.66 -17.72 -1.28
C GLU A 96 3.38 -16.53 -0.64
N ILE A 97 4.59 -16.25 -1.12
CA ILE A 97 5.42 -15.17 -0.61
C ILE A 97 4.79 -13.80 -0.89
N THR A 98 4.34 -13.61 -2.13
CA THR A 98 3.71 -12.36 -2.52
C THR A 98 2.45 -12.14 -1.73
N GLN A 99 1.73 -13.21 -1.48
CA GLN A 99 0.49 -13.12 -0.71
C GLN A 99 0.78 -12.62 0.71
N ARG A 100 1.83 -13.16 1.32
CA ARG A 100 2.21 -12.79 2.68
C ARG A 100 2.63 -11.34 2.81
N LEU A 101 3.49 -10.89 1.91
CA LEU A 101 3.97 -9.53 1.95
C LEU A 101 2.89 -8.49 1.75
N PHE A 102 1.81 -8.87 1.07
CA PHE A 102 0.70 -7.95 0.85
C PHE A 102 -0.16 -7.90 2.09
N PHE A 103 -0.40 -9.07 2.68
CA PHE A 103 -1.20 -9.19 3.89
C PHE A 103 -0.54 -8.38 5.02
N LEU A 104 0.75 -8.56 5.19
CA LEU A 104 1.49 -7.86 6.23
C LEU A 104 1.44 -6.35 6.07
N GLN A 105 1.52 -5.87 4.82
CA GLN A 105 1.50 -4.43 4.55
C GLN A 105 0.12 -3.81 4.65
N VAL A 106 -0.88 -4.51 4.16
CA VAL A 106 -2.25 -4.03 4.20
C VAL A 106 -2.74 -3.99 5.63
N LYS A 107 -2.33 -4.98 6.42
CA LYS A 107 -2.74 -5.07 7.81
C LYS A 107 -2.24 -3.88 8.59
N GLU A 108 -0.96 -3.60 8.44
CA GLU A 108 -0.33 -2.48 9.12
C GLU A 108 -1.13 -1.25 8.83
N ALA A 109 -1.44 -1.03 7.55
CA ALA A 109 -2.20 0.11 7.10
C ALA A 109 -3.55 0.21 7.79
N ILE A 110 -4.26 -0.91 7.90
CA ILE A 110 -5.56 -0.92 8.56
C ILE A 110 -5.33 -0.54 10.02
N LEU A 111 -4.38 -1.23 10.65
CA LEU A 111 -4.03 -1.02 12.05
C LEU A 111 -3.67 0.42 12.39
N ASN A 112 -3.13 1.17 11.44
CA ASN A 112 -2.76 2.57 11.68
C ASN A 112 -3.83 3.54 11.30
N ASP A 113 -4.98 3.01 10.89
CA ASP A 113 -6.12 3.82 10.49
C ASP A 113 -5.89 4.52 9.16
N GLU A 114 -4.81 4.18 8.47
CA GLU A 114 -4.50 4.76 7.17
C GLU A 114 -5.64 4.43 6.19
N ILE A 115 -6.34 3.34 6.47
CA ILE A 115 -7.45 2.88 5.66
C ILE A 115 -8.63 2.74 6.59
N TYR A 116 -9.69 3.50 6.37
CA TYR A 116 -10.86 3.39 7.21
C TYR A 116 -11.47 1.99 7.13
N CYS A 117 -12.00 1.51 8.25
CA CYS A 117 -12.55 0.17 8.33
C CYS A 117 -13.59 0.10 9.44
N PRO A 118 -14.86 -0.19 9.10
CA PRO A 118 -15.96 -0.28 10.06
C PRO A 118 -15.63 -1.27 11.18
N PRO A 119 -15.92 -0.90 12.45
CA PRO A 119 -15.67 -1.72 13.62
C PRO A 119 -15.93 -3.22 13.48
N GLU A 120 -17.11 -3.59 12.99
CA GLU A 120 -17.47 -5.00 12.84
C GLU A 120 -16.60 -5.70 11.80
N THR A 121 -16.19 -4.93 10.79
CA THR A 121 -15.34 -5.44 9.74
C THR A 121 -13.94 -5.59 10.32
N ALA A 122 -13.55 -4.63 11.14
CA ALA A 122 -12.25 -4.65 11.76
C ALA A 122 -12.05 -5.91 12.59
N VAL A 123 -13.07 -6.29 13.34
CA VAL A 123 -13.02 -7.48 14.18
C VAL A 123 -12.92 -8.72 13.30
N LEU A 124 -13.74 -8.73 12.25
CA LEU A 124 -13.75 -9.83 11.31
C LEU A 124 -12.39 -9.98 10.66
N LEU A 125 -11.72 -8.86 10.42
CA LEU A 125 -10.40 -8.88 9.83
C LEU A 125 -9.45 -9.45 10.86
N ALA A 126 -9.47 -8.88 12.05
CA ALA A 126 -8.61 -9.32 13.14
C ALA A 126 -8.63 -10.84 13.36
N SER A 127 -9.82 -11.44 13.22
CA SER A 127 -9.98 -12.88 13.42
C SER A 127 -9.20 -13.73 12.43
N TYR A 128 -9.06 -13.26 11.20
CA TYR A 128 -8.30 -14.02 10.22
C TYR A 128 -6.82 -13.87 10.49
N ALA A 129 -6.45 -12.70 11.01
CA ALA A 129 -5.07 -12.40 11.35
C ALA A 129 -4.57 -13.30 12.45
N VAL A 130 -5.46 -13.69 13.35
CA VAL A 130 -5.10 -14.56 14.46
C VAL A 130 -5.09 -16.02 14.02
N GLN A 131 -5.96 -16.37 13.08
CA GLN A 131 -6.00 -17.74 12.57
C GLN A 131 -4.73 -17.99 11.82
N ALA A 132 -4.13 -16.92 11.31
CA ALA A 132 -2.89 -16.97 10.56
C ALA A 132 -1.68 -17.02 11.50
N LYS A 133 -1.82 -16.47 12.70
CA LYS A 133 -0.74 -16.46 13.68
C LYS A 133 -0.79 -17.62 14.68
N TYR A 134 -1.97 -17.85 15.24
CA TYR A 134 -2.21 -18.89 16.25
C TYR A 134 -2.86 -20.18 15.74
N GLY A 135 -3.00 -20.33 14.43
CA GLY A 135 -3.63 -21.53 13.91
C GLY A 135 -5.04 -21.72 14.44
N ASP A 136 -5.40 -22.98 14.66
CA ASP A 136 -6.74 -23.35 15.13
C ASP A 136 -6.91 -23.03 16.62
N TYR A 137 -8.12 -22.67 17.03
CA TYR A 137 -8.37 -22.37 18.43
C TYR A 137 -8.52 -23.62 19.28
N ASN A 138 -7.59 -23.79 20.20
CA ASN A 138 -7.56 -24.92 21.13
C ASN A 138 -7.84 -24.30 22.49
N LYS A 139 -8.91 -24.76 23.15
CA LYS A 139 -9.30 -24.22 24.47
C LYS A 139 -8.22 -24.35 25.56
N GLU A 140 -7.35 -25.34 25.45
CA GLU A 140 -6.29 -25.55 26.45
C GLU A 140 -5.04 -24.68 26.29
N ILE A 141 -4.66 -24.41 25.04
CA ILE A 141 -3.49 -23.57 24.78
C ILE A 141 -3.91 -22.08 24.84
N HIS A 142 -4.93 -21.76 24.05
CA HIS A 142 -5.46 -20.40 23.96
C HIS A 142 -6.43 -20.01 25.06
N LYS A 143 -5.88 -19.88 26.27
CA LYS A 143 -6.64 -19.51 27.46
C LYS A 143 -7.11 -18.07 27.31
N PRO A 144 -8.25 -17.72 27.92
CA PRO A 144 -8.79 -16.35 27.84
C PRO A 144 -7.72 -15.29 28.19
N GLY A 145 -7.63 -14.27 27.34
CA GLY A 145 -6.65 -13.21 27.54
C GLY A 145 -5.36 -13.49 26.80
N TYR A 146 -5.41 -14.43 25.85
CA TYR A 146 -4.25 -14.81 25.02
C TYR A 146 -3.98 -13.81 23.91
N LEU A 147 -4.81 -12.76 23.84
CA LEU A 147 -4.68 -11.75 22.83
C LEU A 147 -4.45 -10.36 23.43
N ALA A 148 -4.66 -10.23 24.74
CA ALA A 148 -4.51 -8.92 25.38
C ALA A 148 -3.17 -8.22 25.19
N ASN A 149 -2.24 -8.89 24.54
CA ASN A 149 -0.91 -8.32 24.25
C ASN A 149 -0.73 -8.07 22.76
N ASP A 150 -1.68 -8.53 21.97
CA ASP A 150 -1.65 -8.38 20.53
C ASP A 150 -2.20 -7.05 20.06
N ARG A 151 -1.67 -6.58 18.96
CA ARG A 151 -2.17 -5.36 18.36
C ARG A 151 -3.16 -5.93 17.35
N LEU A 152 -4.45 -5.75 17.60
CA LEU A 152 -5.44 -6.29 16.70
C LEU A 152 -6.37 -5.26 16.08
N LEU A 153 -6.81 -4.31 16.87
CA LEU A 153 -7.72 -3.29 16.38
C LEU A 153 -7.11 -1.91 16.33
N PRO A 154 -7.64 -1.04 15.46
CA PRO A 154 -7.12 0.32 15.35
C PRO A 154 -7.54 1.01 16.63
N GLN A 155 -6.83 2.06 17.02
CA GLN A 155 -7.21 2.74 18.24
C GLN A 155 -8.59 3.36 18.14
N ARG A 156 -9.03 3.60 16.90
CA ARG A 156 -10.34 4.17 16.64
C ARG A 156 -11.47 3.31 17.16
N VAL A 157 -11.37 1.99 17.01
CA VAL A 157 -12.41 1.10 17.46
C VAL A 157 -12.39 0.89 18.98
N LEU A 158 -11.21 0.86 19.58
CA LEU A 158 -11.15 0.67 21.02
C LEU A 158 -11.84 1.79 21.77
N GLU A 159 -11.92 2.95 21.14
CA GLU A 159 -12.56 4.10 21.74
C GLU A 159 -14.07 3.95 21.88
N GLN A 160 -14.56 2.77 21.49
CA GLN A 160 -15.96 2.42 21.61
C GLN A 160 -16.19 1.98 23.06
N HIS A 161 -16.62 2.94 23.89
CA HIS A 161 -16.87 2.69 25.31
C HIS A 161 -18.07 1.79 25.54
N LYS A 162 -18.75 1.45 24.46
CA LYS A 162 -19.90 0.56 24.46
C LYS A 162 -19.41 -0.81 24.97
N LEU A 163 -18.13 -1.08 24.74
CA LEU A 163 -17.47 -2.32 25.17
C LEU A 163 -16.12 -1.95 25.75
N THR A 164 -15.33 -2.96 26.10
CA THR A 164 -14.00 -2.77 26.65
C THR A 164 -13.07 -3.74 25.94
N LYS A 165 -11.76 -3.62 26.17
CA LYS A 165 -10.80 -4.51 25.53
C LYS A 165 -11.23 -6.00 25.58
N GLU A 166 -11.32 -6.56 26.79
CA GLU A 166 -11.69 -7.97 26.97
C GLU A 166 -12.96 -8.33 26.21
N GLN A 167 -13.89 -7.38 26.12
CA GLN A 167 -15.15 -7.60 25.38
C GLN A 167 -14.78 -7.79 23.92
N TRP A 168 -14.15 -6.76 23.35
CA TRP A 168 -13.71 -6.76 21.96
C TRP A 168 -12.88 -7.99 21.67
N GLU A 169 -11.99 -8.31 22.59
CA GLU A 169 -11.12 -9.45 22.40
C GLU A 169 -11.85 -10.79 22.33
N GLU A 170 -12.94 -10.95 23.05
CA GLU A 170 -13.65 -12.22 22.98
C GLU A 170 -14.55 -12.28 21.73
N ARG A 171 -14.91 -11.10 21.23
CA ARG A 171 -15.71 -10.98 20.01
C ARG A 171 -14.88 -11.67 18.92
N ILE A 172 -13.59 -11.35 18.93
CA ILE A 172 -12.61 -11.89 17.98
C ILE A 172 -12.45 -13.40 18.20
N GLN A 173 -12.50 -13.83 19.46
CA GLN A 173 -12.37 -15.24 19.82
C GLN A 173 -13.47 -16.04 19.10
N ASN A 174 -14.67 -15.48 19.03
CA ASN A 174 -15.81 -16.13 18.36
C ASN A 174 -15.43 -16.41 16.92
N TRP A 175 -14.97 -15.38 16.23
CA TRP A 175 -14.58 -15.54 14.84
C TRP A 175 -13.39 -16.46 14.65
N HIS A 176 -12.50 -16.51 15.65
CA HIS A 176 -11.32 -17.36 15.58
C HIS A 176 -11.77 -18.83 15.62
N GLU A 177 -12.67 -19.13 16.56
CA GLU A 177 -13.23 -20.46 16.71
C GLU A 177 -13.87 -20.93 15.40
N GLU A 178 -14.62 -20.04 14.75
CA GLU A 178 -15.29 -20.36 13.49
C GLU A 178 -14.34 -20.67 12.33
N HIS A 179 -13.07 -20.31 12.49
CA HIS A 179 -12.08 -20.54 11.44
C HIS A 179 -11.24 -21.81 11.62
N ARG A 180 -11.68 -22.65 12.56
CA ARG A 180 -11.04 -23.91 12.92
C ARG A 180 -10.13 -24.61 11.91
N GLY A 181 -10.71 -25.33 10.95
CA GLY A 181 -9.90 -26.04 9.98
C GLY A 181 -9.18 -25.23 8.92
N MET A 182 -9.19 -23.90 9.03
CA MET A 182 -8.57 -23.04 8.02
C MET A 182 -7.04 -22.92 8.01
N LEU A 183 -6.45 -23.10 6.84
CA LEU A 183 -5.00 -23.00 6.69
C LEU A 183 -4.52 -21.59 7.06
N ARG A 184 -3.21 -21.44 7.14
CA ARG A 184 -2.60 -20.14 7.42
C ARG A 184 -2.73 -19.35 6.11
N GLU A 185 -2.17 -19.93 5.03
CA GLU A 185 -2.20 -19.34 3.68
C GLU A 185 -3.57 -18.80 3.30
N ASP A 186 -4.58 -19.67 3.41
CA ASP A 186 -5.95 -19.34 3.08
C ASP A 186 -6.50 -18.20 3.90
N SER A 187 -6.18 -18.18 5.19
CA SER A 187 -6.69 -17.13 6.07
C SER A 187 -6.17 -15.74 5.70
N MET A 188 -4.91 -15.68 5.28
CA MET A 188 -4.30 -14.41 4.88
C MET A 188 -4.96 -13.92 3.61
N MET A 189 -5.38 -14.86 2.78
CA MET A 189 -6.00 -14.52 1.53
C MET A 189 -7.45 -14.07 1.69
N GLU A 190 -8.09 -14.49 2.78
CA GLU A 190 -9.47 -14.09 3.05
C GLU A 190 -9.42 -12.67 3.55
N TYR A 191 -8.38 -12.38 4.35
CA TYR A 191 -8.14 -11.07 4.90
C TYR A 191 -8.06 -10.09 3.74
N LEU A 192 -7.20 -10.42 2.79
CA LEU A 192 -7.00 -9.61 1.60
C LEU A 192 -8.27 -9.45 0.77
N LYS A 193 -9.06 -10.52 0.67
CA LYS A 193 -10.30 -10.49 -0.09
C LYS A 193 -11.27 -9.51 0.56
N ILE A 194 -11.29 -9.49 1.88
CA ILE A 194 -12.20 -8.60 2.61
C ILE A 194 -11.73 -7.15 2.56
N ALA A 195 -10.41 -6.95 2.61
CA ALA A 195 -9.82 -5.63 2.61
C ALA A 195 -9.76 -4.95 1.25
N GLN A 196 -9.73 -5.71 0.16
CA GLN A 196 -9.64 -5.07 -1.13
C GLN A 196 -10.88 -4.37 -1.58
N ASP A 197 -11.98 -4.61 -0.87
CA ASP A 197 -13.26 -4.00 -1.19
C ASP A 197 -13.49 -2.71 -0.41
N LEU A 198 -12.61 -2.42 0.54
CA LEU A 198 -12.76 -1.21 1.34
C LEU A 198 -12.48 0.00 0.48
N GLU A 199 -13.37 0.99 0.53
CA GLU A 199 -13.24 2.19 -0.27
C GLU A 199 -11.82 2.73 -0.37
N MET A 200 -11.19 2.93 0.78
CA MET A 200 -9.85 3.47 0.85
C MET A 200 -8.73 2.52 0.54
N TYR A 201 -9.05 1.27 0.22
CA TYR A 201 -8.01 0.31 -0.08
C TYR A 201 -7.38 0.54 -1.44
N GLY A 202 -6.06 0.54 -1.45
CA GLY A 202 -5.31 0.71 -2.67
C GLY A 202 -5.33 2.06 -3.33
N VAL A 203 -5.81 3.09 -2.65
CA VAL A 203 -5.80 4.41 -3.24
C VAL A 203 -4.80 5.36 -2.59
N ASN A 204 -4.07 6.06 -3.45
CA ASN A 204 -3.05 7.01 -3.02
C ASN A 204 -3.62 8.41 -3.01
N TYR A 205 -3.82 8.97 -1.82
CA TYR A 205 -4.39 10.30 -1.71
C TYR A 205 -3.39 11.45 -1.77
N PHE A 206 -3.85 12.55 -2.36
CA PHE A 206 -3.06 13.75 -2.51
C PHE A 206 -3.95 14.95 -2.30
N GLU A 207 -3.45 15.86 -1.47
CA GLU A 207 -4.12 17.11 -1.13
C GLU A 207 -3.99 17.97 -2.37
N ILE A 208 -5.14 18.37 -2.92
CA ILE A 208 -5.19 19.22 -4.12
C ILE A 208 -6.25 20.33 -4.03
N LYS A 209 -6.31 21.16 -5.06
CA LYS A 209 -7.24 22.29 -5.11
C LYS A 209 -7.62 22.63 -6.57
N ASN A 210 -8.82 23.17 -6.78
CA ASN A 210 -9.28 23.53 -8.14
C ASN A 210 -9.24 25.05 -8.42
N LYS A 211 -9.71 25.47 -9.60
CA LYS A 211 -9.73 26.89 -10.00
C LYS A 211 -10.28 27.74 -8.85
N LYS A 212 -11.52 27.41 -8.48
CA LYS A 212 -12.29 28.06 -7.42
C LYS A 212 -11.50 28.31 -6.13
N GLY A 213 -10.49 27.48 -5.87
CA GLY A 213 -9.68 27.62 -4.67
C GLY A 213 -10.13 26.69 -3.55
N THR A 214 -11.12 25.85 -3.85
CA THR A 214 -11.69 24.89 -2.90
C THR A 214 -10.80 23.66 -2.68
N GLU A 215 -10.82 23.17 -1.44
CA GLU A 215 -10.05 21.99 -1.06
C GLU A 215 -10.63 20.74 -1.69
N LEU A 216 -9.74 19.87 -2.20
CA LEU A 216 -10.14 18.62 -2.82
C LEU A 216 -9.09 17.54 -2.66
N TRP A 217 -9.57 16.30 -2.66
CA TRP A 217 -8.68 15.15 -2.55
C TRP A 217 -8.54 14.46 -3.90
N LEU A 218 -7.33 14.00 -4.20
CA LEU A 218 -7.06 13.30 -5.46
C LEU A 218 -6.61 11.88 -5.16
N GLY A 219 -7.27 10.91 -5.78
CA GLY A 219 -6.91 9.54 -5.54
C GLY A 219 -6.46 8.80 -6.78
N VAL A 220 -5.33 8.14 -6.67
CA VAL A 220 -4.81 7.36 -7.78
C VAL A 220 -4.84 5.90 -7.37
N ASP A 221 -5.64 5.11 -8.08
CA ASP A 221 -5.70 3.68 -7.82
C ASP A 221 -5.40 2.89 -9.08
N ALA A 222 -5.46 1.57 -8.98
CA ALA A 222 -5.19 0.71 -10.10
C ALA A 222 -6.19 0.93 -11.24
N LEU A 223 -7.36 1.46 -10.91
CA LEU A 223 -8.42 1.67 -11.88
C LEU A 223 -8.61 3.03 -12.52
N GLY A 224 -7.86 4.03 -12.09
CA GLY A 224 -8.02 5.36 -12.67
C GLY A 224 -7.87 6.49 -11.68
N LEU A 225 -8.46 7.65 -11.97
CA LEU A 225 -8.35 8.79 -11.08
C LEU A 225 -9.68 9.17 -10.45
N ASN A 226 -9.66 9.51 -9.17
CA ASN A 226 -10.86 9.90 -8.44
C ASN A 226 -10.64 11.21 -7.69
N ILE A 227 -11.65 12.07 -7.68
CA ILE A 227 -11.56 13.34 -6.97
C ILE A 227 -12.57 13.27 -5.84
N TYR A 228 -12.07 13.38 -4.62
CA TYR A 228 -12.94 13.33 -3.44
C TYR A 228 -13.12 14.70 -2.86
N GLU A 229 -14.30 14.92 -2.26
CA GLU A 229 -14.59 16.18 -1.57
C GLU A 229 -13.65 16.11 -0.37
N HIS A 230 -13.69 17.07 0.52
CA HIS A 230 -12.76 16.99 1.65
C HIS A 230 -13.15 16.08 2.82
N ASP A 231 -14.35 16.29 3.34
CA ASP A 231 -14.87 15.52 4.47
C ASP A 231 -15.15 14.04 4.14
N ASP A 232 -15.02 13.67 2.86
CA ASP A 232 -15.28 12.30 2.43
C ASP A 232 -14.18 11.74 1.52
N LYS A 233 -13.36 10.84 2.07
CA LYS A 233 -12.28 10.22 1.29
C LYS A 233 -12.71 8.82 0.88
N LEU A 234 -13.94 8.46 1.20
CA LEU A 234 -14.47 7.14 0.88
C LEU A 234 -15.18 7.08 -0.46
N THR A 235 -15.97 8.10 -0.75
CA THR A 235 -16.75 8.12 -1.98
C THR A 235 -16.42 9.32 -2.85
N PRO A 236 -15.88 9.06 -4.06
CA PRO A 236 -15.49 10.05 -5.05
C PRO A 236 -16.65 10.91 -5.55
N LYS A 237 -16.33 12.14 -5.91
CA LYS A 237 -17.34 13.06 -6.44
C LYS A 237 -17.35 12.88 -7.96
N ILE A 238 -16.16 12.78 -8.54
CA ILE A 238 -15.94 12.63 -9.98
C ILE A 238 -14.85 11.58 -10.20
N GLY A 239 -15.08 10.64 -11.12
CA GLY A 239 -14.09 9.61 -11.41
C GLY A 239 -13.58 9.66 -12.83
N PHE A 240 -12.48 8.97 -13.11
CA PHE A 240 -11.86 8.92 -14.44
C PHE A 240 -11.08 7.64 -14.64
N PRO A 241 -11.73 6.54 -15.06
CA PRO A 241 -10.97 5.31 -15.26
C PRO A 241 -9.86 5.55 -16.27
N TRP A 242 -8.89 4.64 -16.34
CA TRP A 242 -7.79 4.79 -17.29
C TRP A 242 -8.29 4.71 -18.72
N SER A 243 -9.43 4.05 -18.90
CA SER A 243 -10.07 3.89 -20.20
C SER A 243 -10.98 5.07 -20.56
N GLU A 244 -10.92 6.12 -19.75
CA GLU A 244 -11.71 7.31 -20.01
C GLU A 244 -10.80 8.53 -20.11
N ILE A 245 -9.52 8.31 -19.89
CA ILE A 245 -8.53 9.37 -19.97
C ILE A 245 -7.79 9.26 -21.30
N ARG A 246 -7.67 10.38 -21.99
CA ARG A 246 -6.99 10.43 -23.28
C ARG A 246 -5.57 10.89 -23.11
N ASN A 247 -5.36 11.76 -22.13
CA ASN A 247 -4.04 12.30 -21.85
C ASN A 247 -4.03 13.09 -20.56
N ILE A 248 -2.89 13.06 -19.87
CA ILE A 248 -2.70 13.80 -18.63
C ILE A 248 -1.30 14.37 -18.63
N SER A 249 -1.20 15.66 -18.38
CA SER A 249 0.10 16.32 -18.33
C SER A 249 0.05 17.40 -17.28
N PHE A 250 1.23 17.75 -16.77
CA PHE A 250 1.27 18.82 -15.79
C PHE A 250 2.18 19.94 -16.28
N ASN A 251 1.80 21.15 -15.88
CA ASN A 251 2.58 22.35 -16.14
C ASN A 251 3.16 22.50 -14.73
N ASP A 252 3.72 23.65 -14.42
CA ASP A 252 4.30 23.88 -13.10
C ASP A 252 3.36 23.29 -12.02
N LYS A 253 2.34 24.05 -11.63
CA LYS A 253 1.38 23.56 -10.62
C LYS A 253 0.00 23.34 -11.28
N LYS A 254 0.04 23.04 -12.57
CA LYS A 254 -1.16 22.85 -13.37
C LYS A 254 -1.34 21.42 -13.88
N PHE A 255 -2.44 20.78 -13.48
CA PHE A 255 -2.72 19.43 -13.93
C PHE A 255 -3.97 19.41 -14.80
N VAL A 256 -3.82 18.84 -16.00
CA VAL A 256 -4.92 18.76 -16.96
C VAL A 256 -5.25 17.30 -17.32
N ILE A 257 -6.52 16.96 -17.15
CA ILE A 257 -7.01 15.63 -17.46
C ILE A 257 -7.75 15.76 -18.77
N LYS A 258 -7.21 15.15 -19.81
CA LYS A 258 -7.81 15.20 -21.14
C LYS A 258 -8.68 13.96 -21.33
N PRO A 259 -10.01 14.11 -21.21
CA PRO A 259 -10.94 12.99 -21.37
C PRO A 259 -11.18 12.49 -22.80
N ILE A 260 -11.12 11.17 -22.98
CA ILE A 260 -11.38 10.55 -24.27
C ILE A 260 -12.77 11.00 -24.65
N ASP A 261 -13.60 11.12 -23.62
CA ASP A 261 -14.98 11.55 -23.74
C ASP A 261 -15.02 12.86 -24.55
N LYS A 262 -15.05 12.68 -25.86
CA LYS A 262 -15.09 13.72 -26.90
C LYS A 262 -15.69 15.11 -26.59
N LYS A 263 -16.92 15.11 -26.02
CA LYS A 263 -17.67 16.32 -25.67
C LYS A 263 -17.77 16.48 -24.17
N ALA A 264 -16.63 16.41 -23.50
CA ALA A 264 -16.59 16.56 -22.05
C ALA A 264 -15.46 17.52 -21.69
N PRO A 265 -15.72 18.39 -20.70
CA PRO A 265 -14.75 19.38 -20.23
C PRO A 265 -13.48 18.81 -19.63
N ASP A 266 -12.35 19.42 -19.96
CA ASP A 266 -11.09 19.00 -19.40
C ASP A 266 -11.18 19.33 -17.91
N PHE A 267 -10.73 18.41 -17.07
CA PHE A 267 -10.74 18.65 -15.63
C PHE A 267 -9.38 19.17 -15.28
N VAL A 268 -9.33 20.24 -14.49
CA VAL A 268 -8.08 20.86 -14.11
C VAL A 268 -7.99 21.09 -12.62
N PHE A 269 -6.78 20.92 -12.08
CA PHE A 269 -6.55 21.14 -10.65
C PHE A 269 -5.10 21.55 -10.38
N TYR A 270 -4.88 22.11 -9.20
CA TYR A 270 -3.56 22.60 -8.81
C TYR A 270 -3.08 21.95 -7.52
N ALA A 271 -1.83 21.50 -7.57
CA ALA A 271 -1.14 20.84 -6.46
C ALA A 271 -0.08 21.77 -5.91
N PRO A 272 0.08 21.79 -4.58
CA PRO A 272 1.03 22.61 -3.82
C PRO A 272 2.39 22.73 -4.49
N ARG A 273 3.35 21.94 -4.02
CA ARG A 273 4.70 21.98 -4.55
C ARG A 273 4.81 21.25 -5.89
N LEU A 274 5.91 21.51 -6.58
CA LEU A 274 6.15 20.89 -7.88
C LEU A 274 6.54 19.43 -7.76
N ARG A 275 7.45 19.10 -6.84
CA ARG A 275 7.91 17.72 -6.68
C ARG A 275 6.74 16.75 -6.40
N ILE A 276 5.59 17.31 -6.01
CA ILE A 276 4.39 16.52 -5.77
C ILE A 276 3.84 16.00 -7.11
N ASN A 277 3.44 16.93 -7.99
CA ASN A 277 2.90 16.58 -9.31
C ASN A 277 3.82 15.61 -10.03
N LYS A 278 5.12 15.73 -9.73
CA LYS A 278 6.13 14.88 -10.35
C LYS A 278 5.86 13.41 -10.02
N ARG A 279 5.53 13.17 -8.76
CA ARG A 279 5.27 11.84 -8.23
C ARG A 279 3.87 11.33 -8.56
N ILE A 280 2.90 12.23 -8.57
CA ILE A 280 1.51 11.90 -8.91
C ILE A 280 1.49 11.33 -10.32
N LEU A 281 2.30 11.93 -11.18
CA LEU A 281 2.44 11.55 -12.57
C LEU A 281 3.05 10.15 -12.70
N ALA A 282 4.09 9.89 -11.90
CA ALA A 282 4.79 8.60 -11.91
C ALA A 282 3.86 7.44 -11.54
N LEU A 283 2.95 7.71 -10.62
CA LEU A 283 1.98 6.71 -10.18
C LEU A 283 0.98 6.46 -11.30
N CYS A 284 0.44 7.53 -11.86
CA CYS A 284 -0.53 7.43 -12.93
C CYS A 284 0.06 6.59 -14.03
N MET A 285 1.30 6.89 -14.39
CA MET A 285 2.00 6.17 -15.43
C MET A 285 2.05 4.69 -15.10
N GLY A 286 2.39 4.39 -13.85
CA GLY A 286 2.51 3.00 -13.42
C GLY A 286 1.22 2.20 -13.35
N ASN A 287 0.19 2.78 -12.75
CA ASN A 287 -1.09 2.10 -12.65
C ASN A 287 -1.71 1.93 -14.02
N HIS A 288 -1.37 2.83 -14.93
CA HIS A 288 -1.86 2.78 -16.31
C HIS A 288 -1.21 1.61 -17.05
N GLU A 289 0.12 1.50 -16.98
CA GLU A 289 0.81 0.42 -17.64
C GLU A 289 0.36 -0.92 -17.07
N LEU A 290 0.08 -0.96 -15.78
CA LEU A 290 -0.37 -2.19 -15.12
C LEU A 290 -1.81 -2.48 -15.52
N TYR A 291 -2.57 -1.42 -15.80
CA TYR A 291 -3.97 -1.52 -16.19
C TYR A 291 -4.08 -2.17 -17.56
N MET A 292 -3.15 -1.84 -18.45
CA MET A 292 -3.12 -2.36 -19.81
C MET A 292 -2.69 -3.82 -19.87
N ARG A 293 -1.57 -4.15 -19.24
CA ARG A 293 -1.06 -5.52 -19.23
C ARG A 293 -2.07 -6.53 -18.68
N ARG A 294 -3.18 -6.02 -18.12
CA ARG A 294 -4.20 -6.89 -17.57
C ARG A 294 -5.21 -7.21 -18.64
N ARG A 295 -5.28 -6.35 -19.65
CA ARG A 295 -6.21 -6.57 -20.74
C ARG A 295 -5.42 -6.87 -22.02
N LYS A 296 -5.00 -5.79 -22.69
CA LYS A 296 -4.22 -5.86 -23.93
C LYS A 296 -2.84 -6.56 -23.78
N PRO A 297 -2.87 -7.85 -23.48
CA PRO A 297 -1.66 -8.68 -23.33
C PRO A 297 -2.01 -10.04 -22.67
C1 I3P B . 15.54 11.97 -13.50
C2 I3P B . 15.34 11.14 -12.20
C3 I3P B . 14.01 11.49 -11.51
C4 I3P B . 12.83 11.21 -12.52
C5 I3P B . 13.05 12.10 -13.79
C6 I3P B . 14.38 11.77 -14.48
O1 I3P B . 16.84 11.66 -14.28
O2 I3P B . 15.37 9.73 -12.47
O3 I3P B . 13.87 10.69 -10.32
O4 I3P B . 11.50 11.51 -11.83
O5 I3P B . 11.97 11.89 -14.76
O6 I3P B . 14.62 12.57 -15.64
P1 I3P B . 17.17 10.32 -15.23
O11 I3P B . 18.56 9.87 -14.80
O12 I3P B . 17.11 10.86 -16.65
O13 I3P B . 16.03 9.38 -14.95
P4 I3P B . 10.25 10.43 -11.58
O41 I3P B . 10.65 9.38 -12.61
O42 I3P B . 10.43 9.98 -10.14
O43 I3P B . 8.92 11.10 -11.79
P5 I3P B . 11.36 13.00 -15.84
O51 I3P B . 10.29 12.17 -16.51
O52 I3P B . 10.91 14.15 -14.93
O53 I3P B . 12.55 13.31 -16.70
#